data_5FKP
#
_entry.id   5FKP
#
_cell.length_a   42.170
_cell.length_b   107.570
_cell.length_c   110.610
_cell.angle_alpha   90.00
_cell.angle_beta   90.00
_cell.angle_gamma   90.00
#
_symmetry.space_group_name_H-M   'P 21 21 21'
#
loop_
_entity.id
_entity.type
_entity.pdbx_description
1 polymer 'ANTIGEN-PRESENTING GLYCOPROTEIN CD1D1'
2 polymer 'BETA 2 MICROGLOBULIN'
3 polymer P99
4 branched alpha-D-mannopyranose-(1-6)-beta-D-mannopyranose-(1-4)-2-acetamido-2-deoxy-beta-D-glucopyranose-(1-4)-[alpha-L-fucopyranose-(1-6)]2-acetamido-2-deoxy-beta-D-glucopyranose
5 non-polymer 2-acetamido-2-deoxy-beta-D-glucopyranose
6 non-polymer 'TETRACOSYL PALMITATE'
7 non-polymer GLYCEROL
8 non-polymer 'D(-)-TARTARIC ACID'
9 water water
#
loop_
_entity_poly.entity_id
_entity_poly.type
_entity_poly.pdbx_seq_one_letter_code
_entity_poly.pdbx_strand_id
1 'polypeptide(L)'
;SEAQQKNYTFRCLQMSSFANRSWSRTDSVVWLGDLQTHRWSNDSATISFTKPWSQGKLSNQQWEKLQHMFQVYRVSFTRD
IQELVKMMSPKEDYPIEIQLSAGCEMYPGNASESFLHVAFQGKYVVRFWGTSWQTVPGAPSWLDLPIKVLNADQGTSATV
QMLLNDTCPLFVRGLLEAGKSDLEKQEKPVAWLSSVPSSADGHRQLVCHVSGFYPKPVWVMWMRGDQEQQGTHRGDFLPN
ADETWYLQATLDVEAGEEAGLACRVKHSSLGGQDIILYWHHHHHH
;
A
2 'polypeptide(L)'
;IQKTPQIQVYSRHPPENGKPNILNCYVTQFHPPHIEIQMLKNGKKIPKVEMSDMSFSKDWSFYILAHTEFTPTETDTYAC
RVKHASMAEPKTVYWDRDM
;
B
3 'polypeptide(L)' YEHDFHHIREWGNHWKNFLAVM C
#
loop_
_chem_comp.id
_chem_comp.type
_chem_comp.name
_chem_comp.formula
6UL non-polymer 'TETRACOSYL PALMITATE' 'C40 H80 O2'
BMA D-saccharide, beta linking beta-D-mannopyranose 'C6 H12 O6'
FUC L-saccharide, alpha linking alpha-L-fucopyranose 'C6 H12 O5'
GOL non-polymer GLYCEROL 'C3 H8 O3'
MAN D-saccharide, alpha linking alpha-D-mannopyranose 'C6 H12 O6'
NAG D-saccharide, beta linking 2-acetamido-2-deoxy-beta-D-glucopyranose 'C8 H15 N O6'
TAR non-polymer 'D(-)-TARTARIC ACID' 'C4 H6 O6'
#
# COMPACT_ATOMS: atom_id res chain seq x y z
N LYS A 6 17.54 7.75 -9.20
CA LYS A 6 16.42 7.31 -8.30
C LYS A 6 16.53 5.82 -7.93
N ASN A 7 16.37 5.52 -6.65
CA ASN A 7 16.31 4.14 -6.15
C ASN A 7 14.87 3.65 -6.14
N TYR A 8 14.64 2.48 -6.71
CA TYR A 8 13.32 1.83 -6.68
C TYR A 8 13.39 0.62 -5.77
N THR A 9 12.37 0.46 -4.95
CA THR A 9 12.17 -0.76 -4.18
C THR A 9 11.07 -1.56 -4.83
N PHE A 10 11.42 -2.78 -5.25
CA PHE A 10 10.48 -3.75 -5.79
C PHE A 10 10.00 -4.60 -4.62
N ARG A 11 8.68 -4.73 -4.45
CA ARG A 11 8.07 -5.47 -3.34
C ARG A 11 7.00 -6.43 -3.83
N CYS A 12 7.15 -7.71 -3.49
CA CYS A 12 6.12 -8.72 -3.70
C CYS A 12 5.52 -9.04 -2.35
N LEU A 13 4.23 -8.75 -2.20
CA LEU A 13 3.55 -8.85 -0.93
C LEU A 13 2.52 -9.97 -0.97
N GLN A 14 2.68 -10.96 -0.10
CA GLN A 14 1.74 -12.06 0.03
C GLN A 14 1.01 -11.93 1.35
N MET A 15 -0.30 -12.11 1.30
CA MET A 15 -1.17 -12.01 2.46
C MET A 15 -1.98 -13.29 2.49
N SER A 16 -1.75 -14.12 3.52
CA SER A 16 -2.40 -15.43 3.67
C SER A 16 -3.19 -15.45 4.95
N SER A 17 -4.50 -15.75 4.84
CA SER A 17 -5.39 -15.88 6.00
C SER A 17 -5.86 -17.32 6.15
N PHE A 18 -5.80 -17.85 7.37
CA PHE A 18 -6.29 -19.20 7.69
C PHE A 18 -7.31 -19.06 8.82
N ALA A 19 -8.57 -19.33 8.51
CA ALA A 19 -9.66 -19.18 9.49
C ALA A 19 -9.86 -20.46 10.27
N ASN A 20 -9.77 -21.60 9.59
CA ASN A 20 -9.87 -22.92 10.20
C ASN A 20 -9.17 -23.95 9.30
N ARG A 21 -9.33 -25.24 9.60
CA ARG A 21 -8.79 -26.31 8.76
C ARG A 21 -9.32 -26.30 7.32
N SER A 22 -10.58 -25.89 7.14
CA SER A 22 -11.25 -25.94 5.83
C SER A 22 -11.31 -24.62 5.05
N TRP A 23 -10.80 -23.52 5.62
CA TRP A 23 -10.90 -22.18 5.01
C TRP A 23 -9.58 -21.43 5.06
N SER A 24 -9.07 -21.09 3.88
CA SER A 24 -7.95 -20.17 3.76
C SER A 24 -8.01 -19.43 2.43
N ARG A 25 -7.35 -18.27 2.39
CA ARG A 25 -7.11 -17.58 1.13
C ARG A 25 -5.75 -16.90 1.16
N THR A 26 -5.13 -16.85 -0.01
CA THR A 26 -3.86 -16.15 -0.21
C THR A 26 -4.07 -15.17 -1.37
N ASP A 27 -3.69 -13.93 -1.16
CA ASP A 27 -3.72 -12.89 -2.19
C ASP A 27 -2.39 -12.19 -2.21
N SER A 28 -1.93 -11.80 -3.40
CA SER A 28 -0.66 -11.10 -3.53
C SER A 28 -0.80 -9.84 -4.40
N VAL A 29 0.08 -8.88 -4.12
CA VAL A 29 0.24 -7.69 -4.94
C VAL A 29 1.73 -7.44 -5.12
N VAL A 30 2.09 -6.76 -6.20
CA VAL A 30 3.47 -6.41 -6.48
C VAL A 30 3.56 -4.94 -6.81
N TRP A 31 4.56 -4.28 -6.22
CA TRP A 31 4.77 -2.85 -6.35
C TRP A 31 6.18 -2.62 -6.87
N LEU A 32 6.33 -1.68 -7.81
CA LEU A 32 7.62 -1.12 -8.13
C LEU A 32 7.59 0.35 -7.74
N GLY A 33 8.32 0.70 -6.68
CA GLY A 33 8.17 1.99 -6.03
C GLY A 33 6.74 2.08 -5.55
N ASP A 34 6.03 3.12 -5.96
CA ASP A 34 4.63 3.30 -5.56
C ASP A 34 3.61 2.91 -6.65
N LEU A 35 4.06 2.25 -7.72
CA LEU A 35 3.18 1.81 -8.80
C LEU A 35 2.95 0.31 -8.71
N GLN A 36 1.69 -0.11 -8.68
CA GLN A 36 1.35 -1.53 -8.64
C GLN A 36 1.58 -2.14 -10.02
N THR A 37 2.31 -3.24 -10.06
CA THR A 37 2.61 -3.93 -11.32
C THR A 37 1.84 -5.24 -11.52
N HIS A 38 1.48 -5.92 -10.43
CA HIS A 38 0.77 -7.20 -10.50
C HIS A 38 -0.23 -7.33 -9.36
N ARG A 39 -1.27 -8.12 -9.60
CA ARG A 39 -2.17 -8.60 -8.55
C ARG A 39 -2.41 -10.08 -8.77
N TRP A 40 -2.58 -10.81 -7.68
CA TRP A 40 -2.86 -12.24 -7.78
C TRP A 40 -3.86 -12.67 -6.73
N SER A 41 -5.11 -12.71 -7.15
CA SER A 41 -6.22 -13.06 -6.28
C SER A 41 -6.19 -14.56 -6.00
N ASN A 42 -6.68 -14.92 -4.82
CA ASN A 42 -6.88 -16.33 -4.46
C ASN A 42 -7.72 -17.06 -5.52
N ASP A 43 -8.77 -16.40 -5.98
CA ASP A 43 -9.74 -16.98 -6.92
C ASP A 43 -9.17 -17.21 -8.32
N SER A 44 -8.15 -16.43 -8.69
CA SER A 44 -7.52 -16.54 -10.00
C SER A 44 -6.44 -17.62 -9.99
N ALA A 45 -6.47 -18.47 -11.01
CA ALA A 45 -5.36 -19.40 -11.28
C ALA A 45 -4.13 -18.65 -11.81
N THR A 46 -4.35 -17.50 -12.45
CA THR A 46 -3.30 -16.75 -13.14
C THR A 46 -3.04 -15.37 -12.51
N ILE A 47 -1.77 -14.96 -12.53
CA ILE A 47 -1.32 -13.63 -12.10
C ILE A 47 -1.77 -12.58 -13.12
N SER A 48 -2.31 -11.47 -12.62
CA SER A 48 -2.89 -10.42 -13.45
C SER A 48 -1.90 -9.26 -13.58
N PHE A 49 -1.71 -8.77 -14.81
CA PHE A 49 -0.88 -7.59 -15.08
C PHE A 49 -1.69 -6.35 -14.83
N THR A 50 -1.12 -5.40 -14.09
CA THR A 50 -1.77 -4.11 -13.88
C THR A 50 -1.08 -2.96 -14.64
N LYS A 51 -0.09 -3.30 -15.46
CA LYS A 51 0.53 -2.37 -16.41
C LYS A 51 0.74 -3.06 -17.75
N PRO A 52 0.86 -2.28 -18.84
CA PRO A 52 1.24 -2.87 -20.13
C PRO A 52 2.63 -3.52 -20.10
N TRP A 53 3.48 -3.07 -19.17
CA TRP A 53 4.88 -3.49 -19.08
C TRP A 53 5.17 -4.45 -17.90
N SER A 54 4.14 -5.10 -17.35
CA SER A 54 4.29 -5.95 -16.15
C SER A 54 5.05 -7.28 -16.38
N GLN A 55 5.19 -7.68 -17.64
CA GLN A 55 6.02 -8.85 -18.00
C GLN A 55 7.53 -8.50 -18.06
N GLY A 56 7.87 -7.22 -17.94
CA GLY A 56 9.25 -6.74 -18.01
C GLY A 56 9.88 -7.08 -19.35
N LYS A 57 11.10 -7.63 -19.30
CA LYS A 57 11.77 -8.13 -20.51
C LYS A 57 11.63 -9.67 -20.70
N LEU A 58 10.82 -10.33 -19.87
CA LEU A 58 10.71 -11.80 -19.89
C LEU A 58 9.88 -12.30 -21.08
N SER A 59 10.29 -13.41 -21.69
CA SER A 59 9.52 -14.04 -22.79
C SER A 59 8.21 -14.66 -22.29
N ASN A 60 7.29 -14.96 -23.21
CA ASN A 60 6.01 -15.60 -22.86
C ASN A 60 6.18 -16.98 -22.20
N GLN A 61 7.07 -17.81 -22.75
CA GLN A 61 7.39 -19.12 -22.18
C GLN A 61 7.98 -18.98 -20.76
N GLN A 62 8.90 -18.02 -20.61
CA GLN A 62 9.53 -17.76 -19.32
C GLN A 62 8.48 -17.35 -18.28
N TRP A 63 7.62 -16.40 -18.64
CA TRP A 63 6.53 -15.97 -17.76
C TRP A 63 5.53 -17.10 -17.44
N GLU A 64 5.16 -17.88 -18.46
CA GLU A 64 4.25 -19.02 -18.27
C GLU A 64 4.74 -19.99 -17.18
N LYS A 65 6.05 -20.26 -17.21
CA LYS A 65 6.68 -21.19 -16.27
C LYS A 65 6.87 -20.59 -14.87
N LEU A 66 7.27 -19.33 -14.80
CA LEU A 66 7.33 -18.63 -13.51
C LEU A 66 5.96 -18.61 -12.84
N GLN A 67 4.93 -18.23 -13.61
CA GLN A 67 3.55 -18.33 -13.14
C GLN A 67 3.21 -19.74 -12.62
N HIS A 68 3.56 -20.76 -13.41
CA HIS A 68 3.34 -22.15 -12.98
C HIS A 68 4.08 -22.46 -11.67
N MET A 69 5.35 -22.08 -11.59
CA MET A 69 6.13 -22.22 -10.36
C MET A 69 5.45 -21.61 -9.12
N PHE A 70 4.97 -20.38 -9.26
CA PHE A 70 4.31 -19.70 -8.14
C PHE A 70 2.96 -20.34 -7.81
N GLN A 71 2.28 -20.85 -8.83
CA GLN A 71 1.01 -21.59 -8.65
C GLN A 71 1.20 -22.78 -7.72
N VAL A 72 2.33 -23.47 -7.86
CA VAL A 72 2.65 -24.63 -7.02
C VAL A 72 3.11 -24.15 -5.65
N TYR A 73 3.89 -23.07 -5.61
CA TYR A 73 4.28 -22.45 -4.35
C TYR A 73 3.07 -22.13 -3.49
N ARG A 74 2.08 -21.47 -4.08
CA ARG A 74 0.88 -21.03 -3.36
C ARG A 74 0.12 -22.19 -2.73
N VAL A 75 -0.07 -23.27 -3.49
CA VAL A 75 -0.74 -24.49 -3.00
C VAL A 75 0.12 -25.16 -1.93
N SER A 76 1.41 -25.28 -2.21
CA SER A 76 2.37 -25.89 -1.29
C SER A 76 2.45 -25.16 0.04
N PHE A 77 2.51 -23.83 -0.05
CA PHE A 77 2.56 -22.98 1.13
C PHE A 77 1.33 -23.20 2.01
N THR A 78 0.15 -23.17 1.39
CA THR A 78 -1.11 -23.35 2.09
C THR A 78 -1.19 -24.68 2.84
N ARG A 79 -0.81 -25.76 2.16
CA ARG A 79 -0.82 -27.11 2.73
C ARG A 79 0.13 -27.24 3.92
N ASP A 80 1.34 -26.69 3.78
CA ASP A 80 2.36 -26.72 4.83
C ASP A 80 2.00 -25.95 6.09
N ILE A 81 1.36 -24.79 5.93
CA ILE A 81 0.92 -24.01 7.08
C ILE A 81 -0.20 -24.75 7.82
N GLN A 82 -1.19 -25.26 7.07
CA GLN A 82 -2.29 -26.02 7.68
C GLN A 82 -1.78 -27.26 8.43
N GLU A 83 -0.71 -27.87 7.92
CA GLU A 83 -0.08 -29.01 8.60
C GLU A 83 0.77 -28.57 9.79
N LEU A 84 1.36 -27.39 9.72
CA LEU A 84 2.11 -26.83 10.85
C LEU A 84 1.17 -26.53 12.03
N VAL A 85 -0.01 -25.97 11.71
CA VAL A 85 -1.06 -25.74 12.71
C VAL A 85 -1.50 -27.06 13.37
N LYS A 86 -1.64 -28.11 12.56
CA LYS A 86 -2.03 -29.44 13.07
C LYS A 86 -1.01 -30.02 14.05
N MET A 87 0.28 -29.92 13.71
CA MET A 87 1.37 -30.39 14.57
C MET A 87 1.93 -29.25 15.42
N ASP A 93 -3.33 -22.14 16.90
CA ASP A 93 -4.67 -21.65 17.20
C ASP A 93 -5.17 -20.67 16.12
N TYR A 94 -6.28 -21.01 15.49
CA TYR A 94 -6.89 -20.17 14.46
C TYR A 94 -7.63 -18.97 15.08
N PRO A 95 -7.76 -17.84 14.37
CA PRO A 95 -7.27 -17.64 13.01
C PRO A 95 -5.79 -17.26 12.94
N ILE A 96 -5.18 -17.51 11.80
CA ILE A 96 -3.77 -17.22 11.57
C ILE A 96 -3.61 -16.32 10.35
N GLU A 97 -2.75 -15.31 10.49
CA GLU A 97 -2.41 -14.40 9.41
C GLU A 97 -0.92 -14.49 9.18
N ILE A 98 -0.54 -14.74 7.93
CA ILE A 98 0.86 -14.74 7.55
C ILE A 98 1.05 -13.73 6.40
N GLN A 99 2.13 -12.98 6.50
CA GLN A 99 2.51 -12.03 5.47
C GLN A 99 3.95 -12.27 5.08
N LEU A 100 4.22 -12.16 3.78
CA LEU A 100 5.56 -12.22 3.26
C LEU A 100 5.81 -10.98 2.43
N SER A 101 6.98 -10.39 2.59
CA SER A 101 7.41 -9.24 1.83
C SER A 101 8.79 -9.60 1.27
N ALA A 102 8.86 -9.76 -0.05
CA ALA A 102 10.07 -10.18 -0.74
C ALA A 102 10.30 -9.30 -1.95
N GLY A 103 11.56 -9.02 -2.23
CA GLY A 103 11.88 -8.21 -3.39
C GLY A 103 13.28 -7.68 -3.29
N CYS A 104 13.49 -6.50 -3.86
CA CYS A 104 14.83 -5.95 -3.91
C CYS A 104 14.81 -4.41 -4.03
N GLU A 105 15.79 -3.80 -3.38
CA GLU A 105 16.06 -2.37 -3.46
C GLU A 105 17.16 -2.16 -4.53
N MET A 106 16.86 -1.33 -5.52
CA MET A 106 17.79 -1.07 -6.62
C MET A 106 18.55 0.22 -6.35
N TYR A 107 19.81 0.25 -6.80
CA TYR A 107 20.68 1.42 -6.66
C TYR A 107 21.31 1.79 -8.00
N ASN A 110 25.11 -0.05 -10.73
CA ASN A 110 23.92 -0.88 -10.89
C ASN A 110 23.89 -2.02 -9.85
N ALA A 111 23.89 -1.62 -8.57
CA ALA A 111 23.87 -2.56 -7.45
C ALA A 111 22.46 -2.81 -6.94
N SER A 112 22.30 -3.80 -6.07
CA SER A 112 21.04 -4.03 -5.37
C SER A 112 21.21 -4.84 -4.09
N GLU A 113 20.17 -4.82 -3.25
CA GLU A 113 20.06 -5.70 -2.09
C GLU A 113 18.67 -6.31 -2.08
N SER A 114 18.61 -7.63 -1.90
CA SER A 114 17.33 -8.34 -1.82
C SER A 114 16.93 -8.63 -0.38
N PHE A 115 15.64 -8.86 -0.18
CA PHE A 115 15.09 -9.19 1.14
C PHE A 115 13.96 -10.18 0.99
N LEU A 116 13.72 -10.94 2.05
CA LEU A 116 12.56 -11.82 2.15
C LEU A 116 12.19 -11.90 3.64
N HIS A 117 11.12 -11.21 4.01
CA HIS A 117 10.67 -11.12 5.40
C HIS A 117 9.32 -11.76 5.58
N VAL A 118 9.12 -12.37 6.74
CA VAL A 118 7.89 -13.07 7.04
C VAL A 118 7.34 -12.59 8.38
N ALA A 119 6.04 -12.33 8.40
CA ALA A 119 5.33 -11.94 9.62
C ALA A 119 4.22 -12.92 9.95
N PHE A 120 4.06 -13.19 11.25
CA PHE A 120 3.06 -14.08 11.78
C PHE A 120 2.23 -13.28 12.76
N GLN A 121 0.91 -13.27 12.55
CA GLN A 121 -0.03 -12.48 13.36
C GLN A 121 0.39 -11.00 13.43
N GLY A 122 0.83 -10.47 12.30
CA GLY A 122 1.20 -9.06 12.17
C GLY A 122 2.58 -8.67 12.70
N LYS A 123 3.37 -9.64 13.13
CA LYS A 123 4.69 -9.39 13.69
C LYS A 123 5.79 -10.12 12.91
N TYR A 124 6.84 -9.38 12.58
CA TYR A 124 8.04 -9.90 11.91
C TYR A 124 8.70 -11.02 12.72
N VAL A 125 8.80 -12.22 12.14
CA VAL A 125 9.33 -13.40 12.86
C VAL A 125 10.51 -14.09 12.18
N VAL A 126 10.61 -14.03 10.85
CA VAL A 126 11.59 -14.84 10.10
C VAL A 126 12.08 -14.05 8.89
N ARG A 127 13.35 -14.21 8.54
CA ARG A 127 13.85 -13.75 7.25
C ARG A 127 14.67 -14.84 6.60
N PHE A 128 14.84 -14.72 5.29
CA PHE A 128 15.89 -15.46 4.59
C PHE A 128 17.10 -14.54 4.51
N TRP A 129 18.26 -15.04 4.93
CA TRP A 129 19.48 -14.23 4.96
C TRP A 129 20.68 -15.07 4.55
N GLY A 130 21.36 -14.66 3.47
CA GLY A 130 22.50 -15.38 2.96
C GLY A 130 22.09 -16.67 2.28
N THR A 131 22.15 -17.76 3.04
CA THR A 131 21.84 -19.09 2.52
C THR A 131 20.80 -19.84 3.34
N SER A 132 20.18 -19.19 4.34
CA SER A 132 19.30 -19.90 5.25
C SER A 132 18.19 -19.02 5.80
N TRP A 133 17.13 -19.69 6.26
CA TRP A 133 16.04 -19.06 7.00
C TRP A 133 16.52 -18.87 8.44
N GLN A 134 16.19 -17.72 9.00
CA GLN A 134 16.61 -17.37 10.35
C GLN A 134 15.42 -16.75 11.08
N THR A 135 15.18 -17.17 12.32
CA THR A 135 14.18 -16.52 13.17
C THR A 135 14.82 -15.26 13.70
N VAL A 136 14.01 -14.25 13.94
CA VAL A 136 14.51 -12.99 14.44
C VAL A 136 14.48 -13.07 15.98
N PRO A 137 15.42 -12.40 16.67
CA PRO A 137 15.38 -12.43 18.14
C PRO A 137 14.02 -12.01 18.68
N GLY A 138 13.52 -12.77 19.65
CA GLY A 138 12.20 -12.54 20.22
C GLY A 138 11.06 -13.22 19.51
N ALA A 139 11.31 -13.90 18.39
CA ALA A 139 10.29 -14.74 17.74
C ALA A 139 9.92 -15.92 18.63
N PRO A 140 8.67 -16.43 18.49
CA PRO A 140 8.26 -17.56 19.34
C PRO A 140 9.16 -18.78 19.14
N SER A 141 9.48 -19.44 20.25
CA SER A 141 10.45 -20.53 20.25
C SER A 141 9.98 -21.76 19.47
N TRP A 142 8.65 -21.91 19.30
CA TRP A 142 8.10 -23.02 18.51
C TRP A 142 8.49 -22.96 17.02
N LEU A 143 8.92 -21.81 16.53
CA LEU A 143 9.44 -21.70 15.16
C LEU A 143 10.78 -22.40 14.92
N ASP A 144 11.59 -22.59 15.96
CA ASP A 144 12.98 -23.06 15.77
C ASP A 144 13.06 -24.41 15.07
N LEU A 145 12.25 -25.37 15.51
CA LEU A 145 12.25 -26.72 14.90
C LEU A 145 11.78 -26.72 13.43
N PRO A 146 10.60 -26.15 13.12
CA PRO A 146 10.15 -26.00 11.72
C PRO A 146 11.18 -25.34 10.80
N ILE A 147 11.79 -24.25 11.28
CA ILE A 147 12.84 -23.55 10.52
C ILE A 147 14.10 -24.40 10.32
N LYS A 148 14.50 -25.16 11.35
CA LYS A 148 15.62 -26.09 11.22
C LYS A 148 15.32 -27.12 10.12
N VAL A 149 14.10 -27.62 10.09
CA VAL A 149 13.67 -28.60 9.09
C VAL A 149 13.66 -27.99 7.69
N LEU A 150 13.22 -26.74 7.58
CA LEU A 150 13.21 -26.02 6.30
C LEU A 150 14.64 -25.82 5.76
N ASN A 151 15.56 -25.48 6.67
CA ASN A 151 16.96 -25.27 6.32
C ASN A 151 17.71 -26.54 5.90
N ALA A 152 17.21 -27.71 6.31
CA ALA A 152 17.79 -28.99 5.88
C ALA A 152 17.61 -29.29 4.38
N ASP A 153 16.65 -28.62 3.74
CA ASP A 153 16.38 -28.81 2.32
C ASP A 153 17.21 -27.86 1.45
N GLN A 154 18.33 -28.36 0.93
CA GLN A 154 19.24 -27.53 0.14
C GLN A 154 18.65 -27.09 -1.20
N GLY A 155 17.76 -27.90 -1.76
CA GLY A 155 17.10 -27.56 -3.03
C GLY A 155 16.29 -26.28 -2.97
N THR A 156 15.46 -26.15 -1.94
CA THR A 156 14.66 -24.95 -1.73
C THR A 156 15.53 -23.76 -1.32
N SER A 157 16.57 -24.02 -0.53
CA SER A 157 17.57 -22.99 -0.20
C SER A 157 18.20 -22.41 -1.46
N ALA A 158 18.65 -23.28 -2.37
CA ALA A 158 19.22 -22.83 -3.64
C ALA A 158 18.19 -22.03 -4.46
N THR A 159 16.97 -22.56 -4.53
CA THR A 159 15.86 -21.92 -5.26
C THR A 159 15.64 -20.49 -4.75
N VAL A 160 15.57 -20.33 -3.43
CA VAL A 160 15.36 -19.02 -2.83
C VAL A 160 16.58 -18.12 -3.06
N GLN A 161 17.79 -18.69 -2.95
CA GLN A 161 19.00 -17.92 -3.24
C GLN A 161 19.07 -17.41 -4.67
N MET A 162 18.73 -18.26 -5.65
CA MET A 162 18.69 -17.86 -7.06
C MET A 162 17.60 -16.80 -7.29
N LEU A 163 16.43 -17.00 -6.68
CA LEU A 163 15.34 -16.03 -6.77
C LEU A 163 15.74 -14.65 -6.27
N LEU A 164 16.41 -14.58 -5.12
CA LEU A 164 16.79 -13.30 -4.51
C LEU A 164 18.04 -12.69 -5.14
N ASN A 165 19.12 -13.47 -5.29
CA ASN A 165 20.39 -12.94 -5.78
C ASN A 165 20.39 -12.61 -7.28
N ASP A 166 19.63 -13.35 -8.09
CA ASP A 166 19.63 -13.24 -9.55
C ASP A 166 18.30 -12.88 -10.17
N THR A 167 17.27 -13.70 -9.95
CA THR A 167 15.99 -13.53 -10.63
C THR A 167 15.34 -12.16 -10.34
N CYS A 168 15.38 -11.70 -9.08
CA CYS A 168 14.77 -10.40 -8.67
C CYS A 168 15.41 -9.20 -9.36
N PRO A 169 16.73 -8.95 -9.13
CA PRO A 169 17.31 -7.72 -9.67
C PRO A 169 17.36 -7.69 -11.20
N LEU A 170 17.38 -8.86 -11.82
CA LEU A 170 17.34 -8.98 -13.27
C LEU A 170 15.95 -8.62 -13.79
N PHE A 171 14.92 -9.18 -13.15
CA PHE A 171 13.54 -8.86 -13.49
C PHE A 171 13.29 -7.35 -13.37
N VAL A 172 13.76 -6.78 -12.26
CA VAL A 172 13.54 -5.36 -11.97
C VAL A 172 14.24 -4.45 -12.98
N ARG A 173 15.49 -4.75 -13.32
CA ARG A 173 16.16 -3.94 -14.34
C ARG A 173 15.32 -3.91 -15.64
N GLY A 174 14.73 -5.05 -16.01
CA GLY A 174 13.82 -5.12 -17.17
C GLY A 174 12.52 -4.33 -17.01
N LEU A 175 11.92 -4.39 -15.83
CA LEU A 175 10.73 -3.56 -15.52
C LEU A 175 11.02 -2.06 -15.66
N LEU A 176 12.19 -1.64 -15.19
CA LEU A 176 12.60 -0.22 -15.26
C LEU A 176 12.72 0.29 -16.71
N GLU A 177 13.21 -0.57 -17.59
CA GLU A 177 13.30 -0.24 -19.02
C GLU A 177 11.94 -0.25 -19.70
N ALA A 178 11.14 -1.29 -19.46
CA ALA A 178 9.85 -1.43 -20.14
C ALA A 178 8.80 -0.44 -19.63
N GLY A 179 8.94 0.00 -18.38
CA GLY A 179 7.99 0.93 -17.74
C GLY A 179 8.44 2.37 -17.57
N LYS A 180 9.41 2.79 -18.39
CA LYS A 180 10.08 4.07 -18.23
C LYS A 180 9.12 5.26 -18.24
N SER A 181 8.27 5.33 -19.27
CA SER A 181 7.36 6.47 -19.41
C SER A 181 6.33 6.60 -18.29
N ASP A 182 5.92 5.47 -17.69
CA ASP A 182 5.07 5.49 -16.51
C ASP A 182 5.86 5.83 -15.25
N LEU A 183 7.01 5.20 -15.06
CA LEU A 183 7.84 5.47 -13.89
C LEU A 183 8.30 6.93 -13.82
N GLU A 184 8.58 7.52 -14.98
CA GLU A 184 9.08 8.90 -15.08
C GLU A 184 7.97 9.93 -15.38
N LYS A 185 6.70 9.55 -15.24
CA LYS A 185 5.61 10.47 -15.56
C LYS A 185 5.62 11.67 -14.62
N GLN A 186 5.14 12.81 -15.11
CA GLN A 186 4.95 14.00 -14.28
C GLN A 186 3.48 14.40 -14.39
N GLU A 187 2.79 14.47 -13.24
CA GLU A 187 1.41 14.95 -13.20
C GLU A 187 1.38 16.15 -12.26
N LYS A 188 0.75 17.24 -12.70
CA LYS A 188 0.76 18.49 -11.94
C LYS A 188 -0.22 18.48 -10.77
N PRO A 189 0.20 19.01 -9.61
CA PRO A 189 -0.76 19.20 -8.52
C PRO A 189 -1.80 20.26 -8.89
N VAL A 190 -3.01 20.12 -8.35
CA VAL A 190 -3.98 21.20 -8.31
C VAL A 190 -4.19 21.47 -6.84
N ALA A 191 -4.26 22.75 -6.45
CA ALA A 191 -4.38 23.10 -5.04
C ALA A 191 -5.63 23.93 -4.76
N TRP A 192 -6.10 23.88 -3.52
CA TRP A 192 -7.20 24.72 -3.10
C TRP A 192 -7.13 24.93 -1.60
N LEU A 193 -7.73 26.02 -1.15
CA LEU A 193 -7.71 26.42 0.25
C LEU A 193 -9.08 26.29 0.85
N SER A 194 -9.13 25.92 2.12
CA SER A 194 -10.37 25.95 2.89
C SER A 194 -10.02 26.25 4.35
N SER A 195 -11.04 26.34 5.20
CA SER A 195 -10.76 26.46 6.63
C SER A 195 -11.86 25.96 7.52
N VAL A 196 -11.49 25.72 8.78
CA VAL A 196 -12.44 25.37 9.86
C VAL A 196 -12.06 26.10 11.15
N PRO A 197 -13.05 26.37 12.03
CA PRO A 197 -12.69 26.95 13.34
C PRO A 197 -11.92 25.97 14.22
N SER A 198 -11.02 26.48 15.06
CA SER A 198 -10.14 25.62 15.88
C SER A 198 -10.06 25.97 17.39
N SER A 199 -10.73 27.04 17.82
CA SER A 199 -10.72 27.48 19.23
C SER A 199 -11.64 28.67 19.44
N ALA A 200 -11.67 29.22 20.65
CA ALA A 200 -12.41 30.45 20.95
C ALA A 200 -11.62 31.67 20.49
N HIS A 203 -9.72 31.15 17.07
CA HIS A 203 -8.73 30.63 16.13
C HIS A 203 -9.38 29.84 14.99
N ARG A 204 -8.63 29.72 13.90
CA ARG A 204 -9.08 29.01 12.72
C ARG A 204 -7.96 28.14 12.21
N GLN A 205 -8.30 27.00 11.63
CA GLN A 205 -7.34 26.15 10.94
C GLN A 205 -7.52 26.30 9.43
N LEU A 206 -6.52 26.85 8.76
CA LEU A 206 -6.50 26.97 7.30
C LEU A 206 -5.92 25.69 6.73
N VAL A 207 -6.49 25.23 5.62
CA VAL A 207 -6.08 23.97 5.01
C VAL A 207 -5.73 24.24 3.56
N CYS A 208 -4.52 23.83 3.17
CA CYS A 208 -4.08 23.88 1.80
C CYS A 208 -4.10 22.45 1.31
N HIS A 209 -4.96 22.15 0.35
CA HIS A 209 -5.10 20.81 -0.25
C HIS A 209 -4.32 20.79 -1.54
N VAL A 210 -3.57 19.71 -1.78
CA VAL A 210 -2.78 19.59 -3.00
C VAL A 210 -3.07 18.19 -3.53
N SER A 211 -3.61 18.09 -4.74
CA SER A 211 -4.06 16.79 -5.27
C SER A 211 -3.69 16.57 -6.71
N GLY A 212 -3.36 15.31 -7.03
CA GLY A 212 -3.16 14.93 -8.42
C GLY A 212 -1.72 14.96 -8.86
N PHE A 213 -0.79 15.07 -7.92
CA PHE A 213 0.63 15.18 -8.29
C PHE A 213 1.31 13.81 -8.36
N TYR A 214 2.32 13.73 -9.24
CA TYR A 214 3.16 12.56 -9.34
C TYR A 214 4.45 13.02 -10.02
N PRO A 215 5.63 12.64 -9.54
CA PRO A 215 5.84 11.69 -8.44
C PRO A 215 5.66 12.29 -7.06
N LYS A 216 5.88 11.46 -6.05
CA LYS A 216 5.54 11.78 -4.67
C LYS A 216 6.21 13.01 -4.06
N PRO A 217 7.51 13.23 -4.31
CA PRO A 217 8.15 14.38 -3.65
C PRO A 217 7.46 15.73 -3.97
N VAL A 218 7.19 16.50 -2.93
CA VAL A 218 6.45 17.76 -3.06
C VAL A 218 6.84 18.63 -1.87
N TRP A 219 6.68 19.93 -2.03
CA TRP A 219 6.97 20.90 -0.97
C TRP A 219 5.73 21.77 -0.87
N VAL A 220 5.15 21.86 0.32
CA VAL A 220 3.95 22.65 0.57
C VAL A 220 4.17 23.43 1.86
N MET A 221 3.97 24.74 1.81
CA MET A 221 4.22 25.59 2.96
C MET A 221 3.29 26.79 2.97
N TRP A 222 2.72 27.09 4.13
CA TRP A 222 2.11 28.40 4.36
C TRP A 222 3.19 29.47 4.50
N MET A 223 2.89 30.65 3.95
CA MET A 223 3.84 31.72 3.78
C MET A 223 3.20 33.07 4.14
N ARG A 224 4.02 33.97 4.68
CA ARG A 224 3.71 35.40 4.74
C ARG A 224 4.79 36.09 3.94
N GLY A 225 4.48 36.44 2.68
CA GLY A 225 5.50 36.93 1.76
C GLY A 225 6.54 35.83 1.55
N ASP A 226 7.81 36.12 1.84
CA ASP A 226 8.88 35.14 1.70
C ASP A 226 9.16 34.35 2.99
N GLN A 227 8.39 34.60 4.06
CA GLN A 227 8.62 33.96 5.35
C GLN A 227 7.78 32.70 5.49
N GLU A 228 8.45 31.56 5.61
CA GLU A 228 7.80 30.29 5.83
C GLU A 228 7.14 30.27 7.21
N GLN A 229 5.87 29.87 7.26
CA GLN A 229 5.15 29.77 8.53
C GLN A 229 5.42 28.41 9.16
N GLN A 230 6.17 28.41 10.26
CA GLN A 230 6.60 27.15 10.87
C GLN A 230 5.49 26.37 11.58
N GLY A 231 4.32 27.01 11.77
CA GLY A 231 3.12 26.29 12.16
C GLY A 231 2.54 25.34 11.10
N THR A 232 3.04 25.41 9.87
CA THR A 232 2.58 24.54 8.80
C THR A 232 2.68 23.06 9.23
N HIS A 233 1.54 22.37 9.22
CA HIS A 233 1.45 21.00 9.65
C HIS A 233 1.06 20.13 8.45
N ARG A 234 2.05 19.43 7.92
CA ARG A 234 1.86 18.59 6.73
C ARG A 234 1.25 17.27 7.13
N GLY A 235 0.22 16.85 6.40
CA GLY A 235 -0.41 15.56 6.66
C GLY A 235 0.40 14.47 5.99
N ASP A 236 -0.14 13.26 6.02
CA ASP A 236 0.48 12.13 5.31
C ASP A 236 0.16 12.20 3.82
N PHE A 237 0.95 11.49 3.01
CA PHE A 237 0.63 11.32 1.60
C PHE A 237 -0.48 10.29 1.48
N LEU A 238 -1.57 10.68 0.84
CA LEU A 238 -2.75 9.84 0.68
C LEU A 238 -2.91 9.54 -0.80
N PRO A 239 -3.22 8.28 -1.15
CA PRO A 239 -3.31 7.95 -2.56
C PRO A 239 -4.63 8.38 -3.18
N ASN A 240 -4.56 8.89 -4.40
CA ASN A 240 -5.72 8.94 -5.27
C ASN A 240 -5.83 7.62 -6.02
N ALA A 241 -7.00 7.39 -6.63
CA ALA A 241 -7.26 6.12 -7.30
C ALA A 241 -6.68 6.09 -8.73
N ASP A 242 -6.12 7.21 -9.19
CA ASP A 242 -5.57 7.33 -10.55
C ASP A 242 -4.05 7.44 -10.56
N GLU A 243 -3.40 6.79 -9.61
CA GLU A 243 -1.94 6.77 -9.48
C GLU A 243 -1.35 8.17 -9.40
N THR A 244 -1.99 9.00 -8.59
CA THR A 244 -1.48 10.30 -8.19
C THR A 244 -1.61 10.43 -6.67
N TRP A 245 -1.06 11.49 -6.12
CA TRP A 245 -1.02 11.70 -4.68
C TRP A 245 -1.83 12.90 -4.23
N TYR A 246 -2.21 12.85 -2.96
CA TYR A 246 -2.94 13.92 -2.28
C TYR A 246 -2.21 14.20 -0.98
N LEU A 247 -2.17 15.48 -0.63
CA LEU A 247 -1.58 15.93 0.61
C LEU A 247 -2.25 17.22 1.04
N GLN A 248 -2.48 17.38 2.34
CA GLN A 248 -2.87 18.68 2.86
C GLN A 248 -1.91 19.17 3.94
N ALA A 249 -1.83 20.50 4.03
CA ALA A 249 -1.01 21.16 5.02
C ALA A 249 -1.89 22.20 5.71
N THR A 250 -1.90 22.18 7.03
CA THR A 250 -2.76 23.04 7.81
C THR A 250 -1.96 24.06 8.57
N LEU A 251 -2.64 25.15 8.96
CA LEU A 251 -2.03 26.20 9.77
C LEU A 251 -3.08 26.75 10.72
N ASP A 252 -2.82 26.68 12.03
N ASP A 252 -2.81 26.68 12.03
CA ASP A 252 -3.70 27.30 13.01
CA ASP A 252 -3.61 27.35 13.04
C ASP A 252 -3.35 28.79 13.13
C ASP A 252 -3.27 28.83 13.04
N VAL A 253 -4.36 29.64 12.93
N VAL A 253 -4.28 29.67 12.90
CA VAL A 253 -4.16 31.08 12.85
CA VAL A 253 -4.07 31.11 12.91
C VAL A 253 -5.12 31.78 13.82
C VAL A 253 -5.09 31.79 13.80
N GLU A 254 -4.65 32.85 14.46
CA GLU A 254 -5.51 33.69 15.32
C GLU A 254 -6.39 34.56 14.42
N ALA A 255 -7.61 34.85 14.89
CA ALA A 255 -8.56 35.69 14.13
C ALA A 255 -7.93 37.05 13.83
N GLY A 256 -8.05 37.51 12.60
CA GLY A 256 -7.46 38.79 12.19
C GLY A 256 -6.05 38.68 11.61
N GLU A 257 -5.33 37.60 11.97
CA GLU A 257 -4.03 37.28 11.36
C GLU A 257 -4.09 36.45 10.07
N GLU A 258 -5.30 36.12 9.61
N GLU A 258 -5.29 36.11 9.59
CA GLU A 258 -5.53 35.42 8.34
CA GLU A 258 -5.43 35.37 8.33
C GLU A 258 -5.00 36.19 7.13
C GLU A 258 -5.04 36.18 7.09
N ALA A 259 -5.13 37.51 7.16
CA ALA A 259 -4.75 38.39 6.03
C ALA A 259 -3.25 38.33 5.72
N GLY A 260 -2.93 38.23 4.43
CA GLY A 260 -1.56 38.14 3.96
C GLY A 260 -0.97 36.75 3.91
N LEU A 261 -1.76 35.72 4.24
CA LEU A 261 -1.27 34.36 4.17
C LEU A 261 -1.47 33.76 2.78
N ALA A 262 -0.54 32.89 2.40
CA ALA A 262 -0.56 32.17 1.15
C ALA A 262 -0.04 30.75 1.35
N CYS A 263 -0.50 29.83 0.51
CA CYS A 263 0.05 28.47 0.46
C CYS A 263 0.86 28.38 -0.81
N ARG A 264 2.09 27.91 -0.68
CA ARG A 264 3.00 27.78 -1.80
C ARG A 264 3.34 26.31 -2.02
N VAL A 265 3.24 25.87 -3.26
CA VAL A 265 3.50 24.48 -3.62
C VAL A 265 4.60 24.43 -4.69
N LYS A 266 5.62 23.62 -4.41
CA LYS A 266 6.68 23.33 -5.37
C LYS A 266 6.59 21.85 -5.77
N HIS A 267 6.68 21.60 -7.06
CA HIS A 267 6.64 20.22 -7.57
C HIS A 267 7.38 20.15 -8.90
N SER A 268 8.02 19.01 -9.14
CA SER A 268 8.85 18.77 -10.34
C SER A 268 8.11 19.00 -11.67
N SER A 269 6.82 18.70 -11.69
CA SER A 269 5.95 18.92 -12.86
C SER A 269 5.72 20.38 -13.25
N LEU A 270 5.96 21.32 -12.33
CA LEU A 270 5.54 22.71 -12.52
C LEU A 270 6.56 23.59 -13.26
N GLY A 271 7.71 23.03 -13.63
CA GLY A 271 8.72 23.73 -14.45
C GLY A 271 9.31 24.97 -13.82
N GLY A 272 9.45 24.96 -12.49
CA GLY A 272 9.94 26.11 -11.73
C GLY A 272 8.92 27.17 -11.35
N GLN A 273 7.66 27.02 -11.79
CA GLN A 273 6.60 27.98 -11.48
C GLN A 273 5.74 27.41 -10.36
N ASP A 274 5.99 27.86 -9.14
CA ASP A 274 5.26 27.38 -7.99
C ASP A 274 3.79 27.81 -8.06
N ILE A 275 2.92 26.99 -7.49
CA ILE A 275 1.54 27.40 -7.29
C ILE A 275 1.57 28.23 -6.02
N ILE A 276 0.95 29.41 -6.06
CA ILE A 276 0.74 30.19 -4.84
C ILE A 276 -0.73 30.59 -4.79
N LEU A 277 -1.42 30.16 -3.74
CA LEU A 277 -2.80 30.56 -3.50
C LEU A 277 -2.81 31.48 -2.30
N TYR A 278 -3.63 32.53 -2.36
CA TYR A 278 -3.74 33.54 -1.32
C TYR A 278 -5.05 33.41 -0.58
N TRP A 279 -4.95 33.36 0.75
CA TRP A 279 -6.12 33.36 1.59
C TRP A 279 -6.74 34.75 1.61
N ILE B 1 -1.46 -9.24 17.02
CA ILE B 1 -2.31 -8.26 17.78
C ILE B 1 -3.27 -7.51 16.86
N GLN B 2 -4.44 -7.17 17.39
CA GLN B 2 -5.43 -6.40 16.64
C GLN B 2 -5.00 -4.94 16.55
N LYS B 3 -5.22 -4.33 15.39
CA LYS B 3 -4.94 -2.91 15.17
C LYS B 3 -6.17 -2.25 14.57
N THR B 4 -6.53 -1.10 15.14
CA THR B 4 -7.75 -0.39 14.78
C THR B 4 -7.57 0.44 13.52
N PRO B 5 -8.51 0.33 12.54
CA PRO B 5 -8.34 1.14 11.35
C PRO B 5 -8.44 2.66 11.58
N GLN B 6 -7.63 3.40 10.83
N GLN B 6 -7.59 3.41 10.87
CA GLN B 6 -7.72 4.85 10.75
CA GLN B 6 -7.70 4.86 10.74
C GLN B 6 -8.33 5.14 9.39
C GLN B 6 -8.40 5.10 9.41
N ILE B 7 -9.20 6.15 9.34
CA ILE B 7 -9.99 6.46 8.13
C ILE B 7 -9.77 7.93 7.76
N GLN B 8 -9.50 8.17 6.48
CA GLN B 8 -9.37 9.53 5.95
C GLN B 8 -10.22 9.66 4.71
N VAL B 9 -11.02 10.72 4.65
CA VAL B 9 -11.96 10.97 3.56
C VAL B 9 -11.63 12.29 2.91
N TYR B 10 -11.48 12.28 1.58
CA TYR B 10 -10.99 13.44 0.84
C TYR B 10 -11.41 13.35 -0.62
N SER B 11 -11.52 14.50 -1.27
CA SER B 11 -11.92 14.53 -2.67
C SER B 11 -10.68 14.60 -3.58
N ARG B 12 -10.84 14.02 -4.76
CA ARG B 12 -9.79 14.03 -5.80
C ARG B 12 -9.52 15.44 -6.33
N HIS B 13 -10.59 16.21 -6.55
CA HIS B 13 -10.52 17.51 -7.15
C HIS B 13 -11.11 18.53 -6.16
N PRO B 14 -10.83 19.84 -6.37
CA PRO B 14 -11.50 20.85 -5.55
C PRO B 14 -13.01 20.68 -5.64
N PRO B 15 -13.69 20.67 -4.50
CA PRO B 15 -15.13 20.50 -4.53
C PRO B 15 -15.80 21.76 -5.07
N GLU B 16 -16.68 21.56 -6.03
CA GLU B 16 -17.52 22.63 -6.55
C GLU B 16 -18.91 22.03 -6.64
N ASN B 17 -19.90 22.71 -6.09
CA ASN B 17 -21.24 22.15 -6.07
C ASN B 17 -21.77 21.96 -7.49
N GLY B 18 -22.33 20.78 -7.74
CA GLY B 18 -22.87 20.43 -9.04
C GLY B 18 -21.86 19.92 -10.06
N LYS B 19 -20.58 19.87 -9.71
CA LYS B 19 -19.54 19.39 -10.62
C LYS B 19 -19.14 17.97 -10.21
N PRO B 20 -19.16 17.02 -11.16
CA PRO B 20 -18.70 15.65 -10.83
C PRO B 20 -17.26 15.59 -10.29
N ASN B 21 -17.04 14.72 -9.30
CA ASN B 21 -15.79 14.61 -8.57
C ASN B 21 -15.66 13.14 -8.16
N ILE B 22 -14.61 12.83 -7.43
CA ILE B 22 -14.39 11.50 -6.85
C ILE B 22 -14.10 11.66 -5.37
N LEU B 23 -14.75 10.83 -4.56
CA LEU B 23 -14.56 10.82 -3.11
C LEU B 23 -13.76 9.58 -2.75
N ASN B 24 -12.69 9.79 -2.01
CA ASN B 24 -11.78 8.74 -1.57
C ASN B 24 -11.99 8.47 -0.09
N CYS B 25 -11.96 7.19 0.28
CA CYS B 25 -11.89 6.77 1.67
C CYS B 25 -10.70 5.83 1.84
N TYR B 26 -9.68 6.33 2.53
CA TYR B 26 -8.42 5.64 2.69
C TYR B 26 -8.37 5.08 4.10
N VAL B 27 -8.29 3.75 4.19
CA VAL B 27 -8.36 3.02 5.45
C VAL B 27 -7.02 2.34 5.68
N THR B 28 -6.41 2.62 6.84
CA THR B 28 -5.05 2.20 7.14
C THR B 28 -4.88 1.68 8.55
N GLN B 29 -3.69 1.12 8.78
CA GLN B 29 -3.19 0.77 10.09
C GLN B 29 -4.03 -0.31 10.79
N PHE B 30 -4.59 -1.23 10.02
CA PHE B 30 -5.45 -2.25 10.61
C PHE B 30 -4.89 -3.67 10.46
N HIS B 31 -5.33 -4.52 11.38
CA HIS B 31 -5.01 -5.93 11.40
C HIS B 31 -6.05 -6.60 12.32
N PRO B 32 -6.63 -7.75 11.95
CA PRO B 32 -6.35 -8.51 10.72
C PRO B 32 -6.90 -7.87 9.44
N PRO B 33 -6.57 -8.43 8.27
CA PRO B 33 -6.97 -7.76 7.02
C PRO B 33 -8.48 -7.77 6.65
N HIS B 34 -9.26 -8.64 7.28
N HIS B 34 -9.27 -8.60 7.30
CA HIS B 34 -10.71 -8.74 7.03
CA HIS B 34 -10.69 -8.73 7.00
C HIS B 34 -11.42 -7.47 7.48
C HIS B 34 -11.46 -7.50 7.49
N ILE B 35 -12.07 -6.80 6.54
CA ILE B 35 -12.68 -5.49 6.81
C ILE B 35 -13.89 -5.24 5.88
N GLU B 36 -14.87 -4.48 6.38
CA GLU B 36 -16.03 -4.06 5.59
C GLU B 36 -16.00 -2.55 5.53
N ILE B 37 -16.00 -2.01 4.31
CA ILE B 37 -15.96 -0.57 4.09
C ILE B 37 -17.14 -0.21 3.21
N GLN B 38 -17.93 0.76 3.67
CA GLN B 38 -19.07 1.28 2.93
C GLN B 38 -18.91 2.78 2.82
N MET B 39 -19.31 3.33 1.68
CA MET B 39 -19.41 4.78 1.54
C MET B 39 -20.89 5.13 1.53
N LEU B 40 -21.23 6.24 2.18
CA LEU B 40 -22.63 6.60 2.44
C LEU B 40 -22.95 7.97 1.85
N LYS B 41 -24.15 8.10 1.29
CA LYS B 41 -24.68 9.39 0.88
C LYS B 41 -25.97 9.60 1.67
N ASN B 42 -26.02 10.68 2.45
CA ASN B 42 -27.19 10.97 3.31
C ASN B 42 -27.58 9.76 4.17
N GLY B 43 -26.56 9.07 4.67
CA GLY B 43 -26.73 7.87 5.50
C GLY B 43 -27.05 6.55 4.79
N LYS B 44 -27.20 6.57 3.47
CA LYS B 44 -27.55 5.37 2.69
C LYS B 44 -26.32 4.87 1.93
N LYS B 45 -26.11 3.56 1.95
CA LYS B 45 -25.01 2.92 1.23
C LYS B 45 -25.00 3.30 -0.25
N ILE B 46 -23.82 3.68 -0.76
CA ILE B 46 -23.63 3.96 -2.18
C ILE B 46 -23.31 2.60 -2.83
N PRO B 47 -24.04 2.22 -3.89
CA PRO B 47 -23.83 0.88 -4.46
C PRO B 47 -22.52 0.72 -5.23
N LYS B 48 -22.15 1.72 -6.04
CA LYS B 48 -20.98 1.64 -6.89
C LYS B 48 -19.77 2.25 -6.18
N VAL B 49 -19.09 1.42 -5.41
CA VAL B 49 -17.84 1.80 -4.74
C VAL B 49 -16.74 0.85 -5.20
N GLU B 50 -15.67 1.43 -5.74
CA GLU B 50 -14.53 0.66 -6.23
C GLU B 50 -13.50 0.57 -5.12
N MET B 51 -12.86 -0.58 -4.97
CA MET B 51 -11.83 -0.78 -3.95
C MET B 51 -10.52 -1.12 -4.62
N SER B 52 -9.42 -0.59 -4.11
CA SER B 52 -8.09 -1.08 -4.50
C SER B 52 -7.87 -2.48 -3.93
N ASP B 53 -6.85 -3.15 -4.44
CA ASP B 53 -6.37 -4.41 -3.86
C ASP B 53 -5.81 -4.10 -2.48
N MET B 54 -6.09 -4.93 -1.50
CA MET B 54 -5.51 -4.68 -0.21
C MET B 54 -4.02 -4.88 -0.30
N SER B 55 -3.30 -4.03 0.44
CA SER B 55 -1.85 -4.13 0.50
C SER B 55 -1.42 -3.92 1.96
N PHE B 56 -0.13 -3.92 2.21
CA PHE B 56 0.37 -3.60 3.57
C PHE B 56 1.67 -2.81 3.51
N SER B 57 1.96 -2.11 4.61
N SER B 57 1.96 -2.11 4.60
CA SER B 57 3.08 -1.18 4.70
CA SER B 57 3.08 -1.17 4.66
C SER B 57 4.30 -1.84 5.29
C SER B 57 4.29 -1.83 5.29
N LYS B 58 5.40 -1.08 5.36
CA LYS B 58 6.62 -1.54 6.03
C LYS B 58 6.43 -2.05 7.47
N ASP B 59 5.52 -1.42 8.21
CA ASP B 59 5.20 -1.89 9.58
C ASP B 59 4.22 -3.06 9.63
N TRP B 60 3.85 -3.62 8.47
CA TRP B 60 3.00 -4.81 8.34
C TRP B 60 1.50 -4.57 8.41
N SER B 61 1.08 -3.36 8.80
CA SER B 61 -0.35 -3.04 8.86
C SER B 61 -0.95 -2.86 7.47
N PHE B 62 -2.22 -3.21 7.36
CA PHE B 62 -2.90 -3.23 6.09
C PHE B 62 -3.49 -1.87 5.72
N TYR B 63 -3.65 -1.66 4.42
CA TYR B 63 -4.34 -0.48 3.93
C TYR B 63 -5.10 -0.78 2.64
N ILE B 64 -6.10 0.04 2.38
CA ILE B 64 -6.93 -0.09 1.21
C ILE B 64 -7.59 1.25 0.92
N LEU B 65 -7.82 1.53 -0.36
CA LEU B 65 -8.48 2.75 -0.83
C LEU B 65 -9.82 2.36 -1.44
N ALA B 66 -10.87 2.99 -0.94
CA ALA B 66 -12.21 2.93 -1.54
C ALA B 66 -12.45 4.25 -2.23
N HIS B 67 -13.12 4.24 -3.37
CA HIS B 67 -13.50 5.48 -4.00
C HIS B 67 -14.79 5.37 -4.79
N THR B 68 -15.46 6.51 -4.95
CA THR B 68 -16.72 6.56 -5.67
C THR B 68 -16.86 7.91 -6.36
N GLU B 69 -17.50 7.88 -7.52
CA GLU B 69 -17.89 9.11 -8.20
C GLU B 69 -18.95 9.81 -7.34
N PHE B 70 -18.86 11.12 -7.24
CA PHE B 70 -19.87 11.90 -6.54
C PHE B 70 -19.91 13.31 -7.07
N THR B 71 -21.07 13.93 -6.96
CA THR B 71 -21.25 15.31 -7.34
C THR B 71 -21.72 16.04 -6.08
N PRO B 72 -20.81 16.79 -5.42
CA PRO B 72 -21.22 17.49 -4.20
C PRO B 72 -22.31 18.53 -4.42
N THR B 73 -23.18 18.68 -3.42
CA THR B 73 -24.19 19.74 -3.40
C THR B 73 -24.11 20.44 -2.05
N GLU B 74 -24.90 21.50 -1.89
CA GLU B 74 -24.93 22.21 -0.62
C GLU B 74 -25.39 21.31 0.54
N THR B 75 -26.37 20.44 0.27
CA THR B 75 -27.06 19.71 1.33
C THR B 75 -26.70 18.23 1.52
N ASP B 76 -26.12 17.58 0.50
CA ASP B 76 -25.82 16.14 0.64
C ASP B 76 -24.64 15.94 1.59
N THR B 77 -24.75 14.92 2.44
CA THR B 77 -23.66 14.52 3.31
C THR B 77 -23.07 13.23 2.78
N TYR B 78 -21.76 13.07 2.92
CA TYR B 78 -21.05 11.85 2.53
C TYR B 78 -20.21 11.36 3.69
N ALA B 79 -20.12 10.04 3.83
CA ALA B 79 -19.37 9.42 4.91
C ALA B 79 -18.75 8.11 4.46
N CYS B 80 -17.78 7.64 5.24
CA CYS B 80 -17.20 6.33 5.06
C CYS B 80 -17.37 5.57 6.37
N ARG B 81 -17.94 4.37 6.30
CA ARG B 81 -18.26 3.56 7.47
C ARG B 81 -17.46 2.28 7.39
N VAL B 82 -16.77 1.94 8.47
CA VAL B 82 -15.87 0.80 8.51
C VAL B 82 -16.26 -0.12 9.66
N LYS B 83 -16.39 -1.42 9.34
CA LYS B 83 -16.59 -2.48 10.32
C LYS B 83 -15.34 -3.34 10.38
N HIS B 84 -14.83 -3.58 11.60
CA HIS B 84 -13.60 -4.34 11.81
C HIS B 84 -13.60 -4.96 13.21
N ALA B 85 -12.96 -6.12 13.34
CA ALA B 85 -12.99 -6.91 14.59
C ALA B 85 -12.37 -6.21 15.81
N SER B 86 -11.48 -5.26 15.55
CA SER B 86 -10.85 -4.45 16.59
C SER B 86 -11.81 -3.46 17.27
N MET B 87 -12.98 -3.21 16.66
CA MET B 87 -13.94 -2.25 17.16
C MET B 87 -15.28 -2.92 17.39
N ALA B 88 -15.88 -2.65 18.55
CA ALA B 88 -17.21 -3.17 18.88
C ALA B 88 -18.30 -2.57 17.99
N GLU B 89 -18.13 -1.31 17.59
CA GLU B 89 -19.10 -0.64 16.74
C GLU B 89 -18.46 -0.22 15.43
N PRO B 90 -19.27 -0.04 14.37
CA PRO B 90 -18.70 0.55 13.16
C PRO B 90 -18.23 1.98 13.40
N LYS B 91 -17.16 2.37 12.71
CA LYS B 91 -16.61 3.72 12.80
C LYS B 91 -17.00 4.45 11.53
N THR B 92 -17.60 5.63 11.68
CA THR B 92 -18.00 6.45 10.55
C THR B 92 -17.23 7.76 10.57
N VAL B 93 -16.68 8.13 9.42
CA VAL B 93 -16.05 9.43 9.24
C VAL B 93 -16.76 10.17 8.11
N TYR B 94 -17.23 11.38 8.39
CA TYR B 94 -17.93 12.21 7.40
C TYR B 94 -16.93 13.02 6.59
N TRP B 95 -17.20 13.15 5.30
CA TRP B 95 -16.51 14.08 4.44
C TRP B 95 -16.83 15.49 4.92
N ASP B 96 -15.80 16.29 5.11
CA ASP B 96 -15.96 17.71 5.38
C ASP B 96 -15.13 18.43 4.35
N ARG B 97 -15.79 19.15 3.45
CA ARG B 97 -15.09 19.86 2.39
C ARG B 97 -14.16 20.96 2.92
N ASP B 98 -14.43 21.44 4.14
CA ASP B 98 -13.60 22.48 4.75
C ASP B 98 -12.27 21.99 5.34
N MET B 99 -12.14 20.68 5.59
CA MET B 99 -11.00 20.18 6.37
C MET B 99 -9.96 19.51 5.48
N ASP C 4 7.95 -31.20 8.82
CA ASP C 4 7.50 -29.78 8.66
C ASP C 4 7.87 -29.23 7.28
N PHE C 5 6.96 -28.44 6.70
CA PHE C 5 7.12 -27.84 5.36
C PHE C 5 7.34 -28.85 4.22
N HIS C 6 6.59 -29.95 4.26
CA HIS C 6 6.72 -31.03 3.27
C HIS C 6 6.53 -30.59 1.81
N HIS C 7 5.46 -29.84 1.53
CA HIS C 7 5.12 -29.44 0.16
C HIS C 7 6.02 -28.36 -0.43
N ILE C 8 6.38 -27.37 0.39
CA ILE C 8 7.33 -26.31 -0.01
C ILE C 8 8.70 -26.90 -0.31
N ARG C 9 9.13 -27.88 0.48
CA ARG C 9 10.39 -28.59 0.22
C ARG C 9 10.32 -29.39 -1.09
N GLU C 10 9.19 -30.02 -1.36
CA GLU C 10 8.95 -30.68 -2.64
C GLU C 10 8.92 -29.68 -3.80
N TRP C 11 8.25 -28.55 -3.58
CA TRP C 11 8.21 -27.43 -4.54
C TRP C 11 9.61 -26.90 -4.91
N GLY C 12 10.40 -26.58 -3.89
CA GLY C 12 11.74 -26.03 -4.09
C GLY C 12 12.66 -26.96 -4.87
N ASN C 13 12.62 -28.25 -4.52
CA ASN C 13 13.35 -29.29 -5.26
C ASN C 13 12.85 -29.49 -6.69
N HIS C 14 11.56 -29.27 -6.91
CA HIS C 14 10.94 -29.36 -8.24
C HIS C 14 11.40 -28.25 -9.19
N TRP C 15 11.44 -27.03 -8.68
CA TRP C 15 11.69 -25.84 -9.52
C TRP C 15 13.15 -25.34 -9.53
N LYS C 16 14.05 -26.05 -8.85
CA LYS C 16 15.46 -25.65 -8.77
C LYS C 16 16.15 -25.64 -10.14
N ASN C 17 15.93 -26.70 -10.93
CA ASN C 17 16.50 -26.79 -12.28
C ASN C 17 15.97 -25.72 -13.24
N PHE C 18 14.68 -25.39 -13.15
CA PHE C 18 14.10 -24.33 -13.98
C PHE C 18 14.83 -23.00 -13.78
N LEU C 19 15.04 -22.63 -12.52
CA LEU C 19 15.76 -21.41 -12.17
C LEU C 19 17.25 -21.48 -12.49
N ALA C 20 17.84 -22.66 -12.34
CA ALA C 20 19.28 -22.87 -12.64
C ALA C 20 19.66 -22.51 -14.08
N VAL C 21 18.80 -22.86 -15.04
CA VAL C 21 19.12 -22.69 -16.47
C VAL C 21 18.44 -21.47 -17.07
C1 NAG D . 23.43 -15.08 -2.39
C2 NAG D . 24.46 -16.23 -2.43
C3 NAG D . 24.82 -16.64 -1.00
C4 NAG D . 25.28 -15.43 -0.17
C5 NAG D . 24.23 -14.33 -0.29
C6 NAG D . 24.65 -13.08 0.50
C7 NAG D . 24.16 -17.60 -4.46
C8 NAG D . 23.53 -18.85 -5.03
N2 NAG D . 23.94 -17.37 -3.16
O3 NAG D . 25.83 -17.65 -1.03
O4 NAG D . 25.40 -15.77 1.23
O5 NAG D . 23.99 -13.99 -1.66
O6 NAG D . 23.76 -11.99 0.19
O7 NAG D . 24.83 -16.86 -5.19
C1 NAG D . 26.74 -16.03 1.71
C2 NAG D . 26.79 -15.77 3.21
C3 NAG D . 28.21 -16.04 3.75
C4 NAG D . 28.65 -17.46 3.41
C5 NAG D . 28.46 -17.72 1.91
C6 NAG D . 28.78 -19.18 1.52
C7 NAG D . 25.60 -14.09 4.56
C8 NAG D . 25.29 -12.63 4.72
N2 NAG D . 26.38 -14.40 3.53
O3 NAG D . 28.25 -15.85 5.16
O4 NAG D . 30.05 -17.64 3.71
O5 NAG D . 27.14 -17.39 1.48
O6 NAG D . 27.73 -20.04 1.99
O7 NAG D . 25.15 -14.91 5.35
C1 BMA D . 30.35 -18.40 4.90
C2 BMA D . 31.70 -19.08 4.70
C3 BMA D . 32.09 -19.88 5.95
C4 BMA D . 32.07 -18.96 7.19
C5 BMA D . 30.76 -18.21 7.30
C6 BMA D . 30.86 -17.14 8.38
O2 BMA D . 32.70 -18.10 4.41
O3 BMA D . 33.39 -20.45 5.78
O4 BMA D . 32.26 -19.74 8.38
O5 BMA D . 30.38 -17.58 6.07
O6 BMA D . 29.61 -16.44 8.47
C1 MAN D . 29.58 -15.55 9.61
C2 MAN D . 28.17 -15.00 9.76
C3 MAN D . 27.85 -14.03 8.61
C4 MAN D . 28.93 -12.97 8.51
C5 MAN D . 30.33 -13.58 8.43
C6 MAN D . 31.41 -12.49 8.43
O2 MAN D . 28.04 -14.33 11.02
O3 MAN D . 26.57 -13.44 8.81
O4 MAN D . 28.71 -12.17 7.35
O5 MAN D . 30.54 -14.48 9.53
O6 MAN D . 32.71 -13.05 8.66
C1 FUC D . 22.79 -11.69 1.23
C2 FUC D . 22.25 -10.28 0.98
C3 FUC D . 21.44 -10.25 -0.33
C4 FUC D . 20.34 -11.31 -0.27
C5 FUC D . 20.91 -12.68 0.09
C6 FUC D . 19.78 -13.71 0.29
O2 FUC D . 23.34 -9.37 0.92
O3 FUC D . 20.90 -8.95 -0.57
O4 FUC D . 19.34 -10.93 0.69
O5 FUC D . 21.70 -12.60 1.29
C1 NAG E . -8.72 -19.97 -2.28
C2 NAG E . -10.14 -20.33 -1.84
C3 NAG E . -10.22 -21.81 -1.49
C4 NAG E . -9.70 -22.67 -2.62
C5 NAG E . -8.30 -22.21 -3.04
C6 NAG E . -7.78 -22.99 -4.25
C7 NAG E . -11.65 -18.86 -0.56
C8 NAG E . -11.87 -18.16 0.75
N2 NAG E . -10.52 -19.57 -0.67
O3 NAG E . -11.57 -22.16 -1.16
O4 NAG E . -9.63 -24.03 -2.18
O5 NAG E . -8.33 -20.82 -3.36
O6 NAG E . -8.61 -22.75 -5.39
O7 NAG E . -12.48 -18.73 -1.45
C1 NAG F . -14.28 -21.66 8.63
C2 NAG F . -15.64 -21.99 9.24
C3 NAG F . -16.78 -21.38 8.44
C4 NAG F . -16.54 -19.90 8.14
C5 NAG F . -15.15 -19.71 7.53
C6 NAG F . -14.83 -18.25 7.23
C7 NAG F . -15.61 -24.18 10.41
C8 NAG F . -15.91 -25.65 10.28
N2 NAG F . -15.85 -23.44 9.33
O3 NAG F . -17.99 -21.53 9.18
O4 NAG F . -17.54 -19.44 7.23
O5 NAG F . -14.17 -20.26 8.43
O6 NAG F . -14.96 -17.43 8.40
O7 NAG F . -15.17 -23.73 11.47
CBP 6UL G . 11.17 -14.15 -4.15
CBN 6UL G . 11.02 -12.78 -4.84
CAX 6UL G . 10.81 -12.95 -6.35
CAY 6UL G . 12.00 -12.38 -7.13
CAZ 6UL G . 11.85 -12.71 -8.63
CBA 6UL G . 10.83 -11.79 -9.33
CBB 6UL G . 9.51 -12.53 -9.57
CBC 6UL G . 8.35 -11.52 -9.57
CBD 6UL G . 7.15 -12.09 -10.33
CBE 6UL G . 5.88 -11.29 -10.01
CBF 6UL G . 4.85 -12.14 -9.26
CBG 6UL G . 5.38 -12.51 -7.86
CBH 6UL G . 4.24 -12.73 -6.84
CBI 6UL G . 4.30 -14.15 -6.25
CBJ 6UL G . 3.60 -14.22 -4.88
CBK 6UL G . 4.55 -14.78 -3.81
CBL 6UL G . 5.61 -13.73 -3.42
CBM 6UL G . 6.50 -14.28 -2.31
CAW 6UL G . 7.65 -15.13 -2.89
CAV 6UL G . 8.00 -16.20 -1.85
CAU 6UL G . 9.25 -17.03 -2.23
CAT 6UL G . 9.23 -18.41 -1.53
CAS 6UL G . 8.91 -18.27 -0.02
CAR 6UL G . 9.03 -19.60 0.73
OAQ 6UL G . 8.22 -19.50 2.04
CAP 6UL G . 8.72 -20.49 3.11
CAO 6UL G . 8.91 -19.81 4.49
CAN 6UL G . 7.61 -19.80 5.29
CAM 6UL G . 7.93 -19.40 6.72
CAL 6UL G . 6.64 -19.34 7.56
CAK 6UL G . 7.01 -19.30 9.02
CAJ 6UL G . 6.01 -18.41 9.73
C1 GOL H . -0.55 5.14 -4.58
O1 GOL H . 0.40 4.07 -4.66
C2 GOL H . -0.34 6.22 -5.64
O2 GOL H . -1.62 6.78 -6.03
C3 GOL H . 0.38 5.68 -6.86
O3 GOL H . -0.22 4.44 -7.26
C1 GOL I . -3.87 2.04 -3.12
O1 GOL I . -3.04 0.99 -2.64
C2 GOL I . -3.91 2.02 -4.64
O2 GOL I . -2.62 2.30 -5.17
C3 GOL I . -4.90 3.06 -5.16
O3 GOL I . -5.14 2.83 -6.56
C1 GOL J . 10.90 20.43 -5.57
O1 GOL J . 10.83 21.53 -4.64
C2 GOL J . 9.84 19.38 -5.25
O2 GOL J . 9.91 19.04 -3.86
C3 GOL J . 10.06 18.14 -6.11
O3 GOL J . 8.83 17.74 -6.73
C1 GOL K . -11.75 17.45 2.39
O1 GOL K . -10.86 16.64 3.18
C2 GOL K . -11.23 17.69 0.96
O2 GOL K . -10.45 16.60 0.47
C3 GOL K . -12.41 17.93 0.01
O3 GOL K . -12.03 18.81 -1.02
O1 TAR L . -11.42 -7.05 0.63
O11 TAR L . -11.20 -5.11 1.61
C1 TAR L . -11.91 -6.00 1.10
C2 TAR L . -13.41 -5.85 1.06
O2 TAR L . -13.95 -6.48 2.22
C3 TAR L . -13.85 -4.37 1.00
O3 TAR L . -13.30 -3.63 2.11
C4 TAR L . -15.36 -4.27 1.02
O4 TAR L . -15.93 -3.95 2.08
O41 TAR L . -15.98 -4.51 -0.04
#